data_2XV7
#
_entry.id   2XV7
#
_cell.length_a   95.720
_cell.length_b   95.720
_cell.length_c   70.940
_cell.angle_alpha   90.00
_cell.angle_beta   90.00
_cell.angle_gamma   120.00
#
_symmetry.space_group_name_H-M   'P 61 2 2'
#
loop_
_entity.id
_entity.type
_entity.pdbx_description
1 polymer 'VASCULAR ENDOTHELIAL GROWTH FACTOR D'
2 branched beta-D-mannopyranose-(1-4)-2-acetamido-2-deoxy-beta-D-glucopyranose-(1-4)-2-acetamido-2-deoxy-beta-D-glucopyranose
3 non-polymer alpha-D-mannopyranose
4 water water
#
_entity_poly.entity_id   1
_entity_poly.type   'polypeptide(L)'
_entity_poly.pdbx_seq_one_letter_code
;DPTFYDIETLKVIDEEWQRTQCSPRETAVEVASELGKSTNTFFKPPCVNVFRCGGCCNEESLICMNTSTSYISKQLFEIS
VPLTSVPELVPVKVANHTGCKCLPTAHHHHHH
;
_entity_poly.pdbx_strand_id   A
#
# COMPACT_ATOMS: atom_id res chain seq x y z
N PRO A 2 31.59 -3.07 -26.99
CA PRO A 2 31.17 -3.13 -25.59
C PRO A 2 32.35 -3.07 -24.63
N THR A 3 32.80 -1.86 -24.31
CA THR A 3 33.86 -1.67 -23.33
C THR A 3 33.40 -2.14 -21.95
N PHE A 4 34.29 -2.06 -20.97
CA PHE A 4 33.99 -2.54 -19.63
C PHE A 4 33.29 -1.49 -18.77
N TYR A 5 33.58 -0.22 -19.01
CA TYR A 5 32.93 0.82 -18.23
C TYR A 5 31.46 0.86 -18.65
N ASP A 6 31.23 0.74 -19.94
CA ASP A 6 29.90 0.61 -20.52
C ASP A 6 28.99 -0.35 -19.75
N ILE A 7 29.49 -1.53 -19.46
CA ILE A 7 28.68 -2.54 -18.81
C ILE A 7 28.15 -2.13 -17.48
N GLU A 8 29.06 -1.70 -16.63
CA GLU A 8 28.71 -1.30 -15.27
C GLU A 8 27.55 -0.35 -15.22
N THR A 9 27.66 0.77 -15.94
CA THR A 9 26.59 1.75 -15.97
C THR A 9 25.28 1.11 -16.40
N LEU A 10 25.28 0.46 -17.55
CA LEU A 10 24.06 -0.17 -18.03
C LEU A 10 23.50 -1.09 -16.97
N LYS A 11 24.21 -2.15 -16.61
CA LYS A 11 23.91 -2.85 -15.35
C LYS A 11 23.17 -1.98 -14.35
N VAL A 12 23.84 -1.01 -13.77
CA VAL A 12 23.23 -0.15 -12.76
C VAL A 12 21.86 0.42 -13.14
N ILE A 13 21.74 0.92 -14.36
CA ILE A 13 20.46 1.37 -14.93
C ILE A 13 19.38 0.34 -14.97
N ASP A 14 19.75 -0.90 -15.24
CA ASP A 14 18.80 -1.99 -15.20
C ASP A 14 18.36 -2.23 -13.77
N GLU A 15 19.29 -2.21 -12.83
CA GLU A 15 18.94 -2.39 -11.43
C GLU A 15 17.97 -1.28 -11.02
N GLU A 16 18.23 -0.06 -11.47
CA GLU A 16 17.25 1.00 -11.35
C GLU A 16 15.91 0.52 -11.89
N TRP A 17 15.86 0.21 -13.19
CA TRP A 17 14.65 -0.30 -13.83
C TRP A 17 13.99 -1.44 -13.08
N GLN A 18 14.76 -2.28 -12.41
CA GLN A 18 14.14 -3.41 -11.73
C GLN A 18 13.42 -2.96 -10.48
N ARG A 19 14.07 -2.09 -9.71
CA ARG A 19 13.51 -1.52 -8.49
C ARG A 19 12.24 -0.70 -8.71
N THR A 20 11.86 -0.45 -9.95
CA THR A 20 10.65 0.31 -10.21
C THR A 20 9.54 -0.61 -10.62
N GLN A 21 9.80 -1.90 -10.70
CA GLN A 21 8.80 -2.79 -11.26
C GLN A 21 7.73 -3.16 -10.26
N CYS A 22 6.54 -3.44 -10.76
CA CYS A 22 5.41 -3.84 -9.94
C CYS A 22 5.73 -4.85 -8.82
N SER A 23 5.62 -4.39 -7.57
CA SER A 23 5.77 -5.24 -6.40
C SER A 23 4.98 -4.67 -5.25
N PRO A 24 4.77 -5.47 -4.20
CA PRO A 24 4.14 -4.95 -2.98
C PRO A 24 5.16 -4.14 -2.22
N ARG A 25 4.88 -2.85 -2.09
CA ARG A 25 5.77 -1.96 -1.40
C ARG A 25 5.05 -1.33 -0.22
N GLU A 26 5.76 -1.10 0.87
CA GLU A 26 5.08 -0.63 2.08
C GLU A 26 4.56 0.77 1.88
N THR A 27 3.33 1.00 2.29
CA THR A 27 2.75 2.32 2.09
C THR A 27 1.81 2.72 3.22
N ALA A 28 1.40 3.99 3.19
CA ALA A 28 0.61 4.57 4.24
C ALA A 28 -0.81 4.67 3.78
N VAL A 29 -1.71 4.00 4.51
CA VAL A 29 -3.11 3.96 4.16
C VAL A 29 -3.91 4.68 5.21
N GLU A 30 -4.76 5.60 4.78
CA GLU A 30 -5.65 6.29 5.69
C GLU A 30 -6.91 5.47 5.85
N VAL A 31 -7.18 5.08 7.08
CA VAL A 31 -8.18 4.09 7.39
C VAL A 31 -9.61 4.52 7.08
N ALA A 32 -9.85 5.84 7.11
CA ALA A 32 -11.18 6.34 6.83
C ALA A 32 -11.58 5.94 5.43
N SER A 33 -10.66 6.15 4.49
CA SER A 33 -10.93 6.00 3.08
C SER A 33 -11.09 4.55 2.65
N GLU A 34 -10.94 3.64 3.59
CA GLU A 34 -11.08 2.24 3.25
C GLU A 34 -12.30 1.63 3.89
N LEU A 35 -13.22 2.49 4.32
CA LEU A 35 -14.43 2.03 5.01
C LEU A 35 -15.62 3.00 4.88
N GLY A 36 -16.69 2.72 5.63
CA GLY A 36 -17.90 3.54 5.61
C GLY A 36 -17.73 4.96 6.13
N LYS A 37 -17.11 5.10 7.30
CA LYS A 37 -16.74 6.41 7.84
C LYS A 37 -17.91 7.36 8.12
N SER A 38 -19.00 6.82 8.65
CA SER A 38 -20.19 7.62 8.88
C SER A 38 -20.09 8.49 10.12
N THR A 39 -20.89 9.56 10.15
CA THR A 39 -21.07 10.43 11.31
C THR A 39 -19.78 10.87 12.02
N ASN A 40 -18.72 11.08 11.25
CA ASN A 40 -17.48 11.63 11.78
C ASN A 40 -16.87 10.81 12.92
N THR A 41 -16.90 9.49 12.78
CA THR A 41 -16.19 8.61 13.71
C THR A 41 -14.70 8.60 13.32
N PHE A 42 -13.89 9.29 14.12
CA PHE A 42 -12.47 9.48 13.82
C PHE A 42 -11.64 8.21 13.95
N PHE A 43 -10.37 8.33 13.57
CA PHE A 43 -9.38 7.36 14.00
C PHE A 43 -8.13 8.04 14.50
N LYS A 44 -7.49 7.40 15.48
CA LYS A 44 -6.18 7.84 15.93
C LYS A 44 -5.31 6.65 16.31
N PRO A 45 -4.17 6.51 15.63
CA PRO A 45 -3.78 7.37 14.50
C PRO A 45 -4.71 7.22 13.32
N PRO A 46 -4.72 8.21 12.43
CA PRO A 46 -5.55 8.17 11.23
C PRO A 46 -5.08 7.17 10.17
N CYS A 47 -3.78 6.88 10.15
CA CYS A 47 -3.18 6.06 9.10
C CYS A 47 -2.39 4.88 9.66
N VAL A 48 -1.98 4.01 8.75
CA VAL A 48 -1.48 2.71 9.10
C VAL A 48 -0.49 2.27 8.01
N ASN A 49 0.55 1.52 8.37
CA ASN A 49 1.52 1.07 7.39
C ASN A 49 1.24 -0.34 6.93
N VAL A 50 0.72 -0.48 5.72
CA VAL A 50 0.56 -1.80 5.13
C VAL A 50 1.25 -1.88 3.78
N PHE A 51 1.42 -3.10 3.31
CA PHE A 51 1.97 -3.33 1.99
C PHE A 51 0.91 -3.21 0.93
N ARG A 52 1.28 -2.54 -0.15
CA ARG A 52 0.38 -2.32 -1.26
C ARG A 52 1.14 -2.46 -2.55
N CYS A 53 0.40 -2.67 -3.63
CA CYS A 53 0.99 -2.89 -4.94
C CYS A 53 1.31 -1.58 -5.58
N GLY A 54 2.42 -1.56 -6.30
CA GLY A 54 2.75 -0.41 -7.10
C GLY A 54 3.95 -0.69 -7.97
N GLY A 55 4.26 0.26 -8.84
CA GLY A 55 5.44 0.16 -9.68
C GLY A 55 5.04 0.09 -11.12
N CYS A 56 6.02 0.14 -12.00
CA CYS A 56 5.76 0.17 -13.44
C CYS A 56 5.60 -1.18 -14.10
N CYS A 57 5.09 -1.15 -15.32
CA CYS A 57 4.89 -2.37 -16.09
C CYS A 57 5.63 -2.28 -17.41
N ASN A 58 6.00 -3.43 -17.97
CA ASN A 58 6.71 -3.46 -19.25
C ASN A 58 5.94 -2.78 -20.38
N GLU A 59 4.70 -3.20 -20.58
CA GLU A 59 3.85 -2.60 -21.60
C GLU A 59 2.97 -1.53 -20.96
N GLU A 60 2.45 -0.62 -21.77
CA GLU A 60 1.69 0.52 -21.25
C GLU A 60 0.28 0.16 -20.75
N SER A 61 -0.40 -0.69 -21.48
CA SER A 61 -1.77 -1.06 -21.15
C SER A 61 -1.88 -1.81 -19.81
N LEU A 62 -0.75 -2.27 -19.29
CA LEU A 62 -0.76 -3.10 -18.09
C LEU A 62 -0.69 -2.26 -16.80
N ILE A 63 -1.27 -2.79 -15.72
CA ILE A 63 -1.29 -2.10 -14.44
C ILE A 63 -0.88 -3.04 -13.31
N CYS A 64 -0.28 -2.52 -12.26
CA CYS A 64 0.09 -3.38 -11.16
C CYS A 64 -1.17 -3.63 -10.36
N MET A 65 -1.65 -4.87 -10.35
CA MET A 65 -2.83 -5.22 -9.57
C MET A 65 -2.50 -6.29 -8.54
N ASN A 66 -3.10 -6.20 -7.36
CA ASN A 66 -2.93 -7.27 -6.37
C ASN A 66 -3.58 -8.55 -6.88
N THR A 67 -2.84 -9.65 -6.81
CA THR A 67 -3.39 -10.96 -7.15
C THR A 67 -3.73 -11.76 -5.88
N SER A 68 -3.16 -11.35 -4.75
CA SER A 68 -3.53 -11.94 -3.47
C SER A 68 -3.42 -10.89 -2.38
N THR A 69 -4.21 -11.02 -1.33
CA THR A 69 -4.20 -10.08 -0.22
C THR A 69 -4.54 -10.74 1.12
N SER A 70 -3.80 -10.39 2.16
CA SER A 70 -4.16 -10.82 3.50
C SER A 70 -4.70 -9.62 4.27
N TYR A 71 -5.17 -9.82 5.49
CA TYR A 71 -5.72 -8.70 6.24
C TYR A 71 -5.15 -8.57 7.66
N ILE A 72 -4.24 -7.61 7.82
CA ILE A 72 -3.68 -7.34 9.13
C ILE A 72 -4.72 -6.69 10.03
N SER A 73 -4.55 -6.92 11.33
CA SER A 73 -5.37 -6.30 12.34
C SER A 73 -4.49 -5.28 13.02
N LYS A 74 -5.00 -4.08 13.20
CA LYS A 74 -4.20 -3.00 13.74
C LYS A 74 -4.98 -2.26 14.78
N GLN A 75 -4.49 -2.29 16.02
CA GLN A 75 -5.16 -1.65 17.15
C GLN A 75 -5.19 -0.16 16.92
N LEU A 76 -6.36 0.43 17.08
CA LEU A 76 -6.50 1.86 16.87
C LEU A 76 -7.47 2.48 17.87
N PHE A 77 -7.41 3.80 18.00
CA PHE A 77 -8.37 4.51 18.82
C PHE A 77 -9.48 5.12 18.00
N GLU A 78 -10.71 4.76 18.37
CA GLU A 78 -11.89 5.34 17.74
C GLU A 78 -12.41 6.49 18.56
N ILE A 79 -12.28 7.71 18.04
CA ILE A 79 -12.80 8.90 18.71
C ILE A 79 -13.96 9.53 17.93
N SER A 80 -15.15 9.54 18.53
CA SER A 80 -16.31 10.15 17.91
C SER A 80 -16.57 11.54 18.48
N VAL A 81 -16.02 12.56 17.84
CA VAL A 81 -16.06 13.91 18.38
C VAL A 81 -16.69 14.93 17.44
N PRO A 82 -17.63 15.70 17.98
CA PRO A 82 -18.13 15.36 19.31
C PRO A 82 -19.15 14.20 19.28
N LEU A 83 -19.13 13.35 20.31
CA LEU A 83 -18.14 13.49 21.39
C LEU A 83 -17.89 12.27 22.29
N THR A 84 -18.93 11.54 22.68
CA THR A 84 -18.76 10.63 23.83
C THR A 84 -19.70 9.41 23.99
N SER A 85 -19.27 8.44 24.80
CA SER A 85 -18.03 8.59 25.60
C SER A 85 -16.93 7.55 25.40
N VAL A 86 -15.71 8.05 25.53
CA VAL A 86 -14.49 7.26 25.46
C VAL A 86 -14.19 6.70 24.09
N PRO A 87 -12.91 6.77 23.73
CA PRO A 87 -12.29 6.08 22.60
C PRO A 87 -11.71 4.76 23.10
N GLU A 88 -11.96 3.67 22.37
CA GLU A 88 -11.51 2.36 22.82
C GLU A 88 -10.53 1.73 21.83
N LEU A 89 -9.68 0.83 22.34
CA LEU A 89 -8.68 0.18 21.50
C LEU A 89 -9.31 -0.93 20.68
N VAL A 90 -9.53 -0.63 19.41
CA VAL A 90 -10.21 -1.55 18.50
C VAL A 90 -9.23 -2.11 17.48
N PRO A 91 -9.34 -3.41 17.22
CA PRO A 91 -8.50 -3.99 16.18
C PRO A 91 -9.19 -3.90 14.84
N VAL A 92 -8.71 -3.02 13.97
CA VAL A 92 -9.27 -2.95 12.62
C VAL A 92 -8.47 -3.77 11.60
N LYS A 93 -9.20 -4.34 10.65
CA LYS A 93 -8.64 -5.25 9.67
C LYS A 93 -8.40 -4.48 8.40
N VAL A 94 -7.12 -4.38 8.02
CA VAL A 94 -6.72 -3.59 6.88
C VAL A 94 -5.91 -4.45 5.90
N ALA A 95 -6.17 -4.28 4.62
CA ALA A 95 -5.65 -5.15 3.59
C ALA A 95 -4.15 -5.05 3.34
N ASN A 96 -3.41 -6.10 3.66
CA ASN A 96 -2.02 -6.25 3.25
C ASN A 96 -1.97 -7.03 1.93
N HIS A 97 -1.47 -6.39 0.86
CA HIS A 97 -1.34 -7.03 -0.46
C HIS A 97 -0.19 -7.97 -0.42
N THR A 98 -0.41 -9.23 -0.77
CA THR A 98 0.67 -10.21 -0.71
C THR A 98 1.17 -10.67 -2.07
N GLY A 99 0.41 -10.38 -3.12
CA GLY A 99 0.83 -10.70 -4.47
C GLY A 99 0.42 -9.65 -5.50
N CYS A 100 1.25 -9.50 -6.53
CA CYS A 100 1.00 -8.52 -7.59
C CYS A 100 1.35 -9.11 -8.96
N LYS A 101 0.88 -8.43 -10.01
CA LYS A 101 1.27 -8.74 -11.37
C LYS A 101 0.66 -7.68 -12.25
N CYS A 102 1.32 -7.39 -13.36
CA CYS A 102 0.80 -6.43 -14.30
C CYS A 102 -0.32 -7.07 -15.09
N LEU A 103 -1.44 -6.37 -15.22
CA LEU A 103 -2.63 -6.93 -15.85
C LEU A 103 -3.49 -5.89 -16.52
N PRO A 104 -4.50 -6.36 -17.28
CA PRO A 104 -5.54 -5.54 -17.93
C PRO A 104 -6.91 -5.66 -17.25
N THR A 105 -7.69 -4.59 -17.10
CA THR A 105 -7.36 -3.16 -17.29
C THR A 105 -8.62 -2.38 -17.66
#